data_3TWH
#
_entry.id   3TWH
#
_cell.length_a   80.660
_cell.length_b   37.819
_cell.length_c   61.937
_cell.angle_alpha   90.00
_cell.angle_beta   96.60
_cell.angle_gamma   90.00
#
_symmetry.space_group_name_H-M   'C 1 2 1'
#
loop_
_entity.id
_entity.type
_entity.pdbx_description
1 polymer 'Ribonuclease H'
2 polymer "RNA (5'-R(*UP*CP*GP*AP*CP*A)-3')"
3 polymer "DNA (5'-D(*AP*TP*(SDG)P*TP*CP*(SDG))-3')"
4 non-polymer 'MAGNESIUM ION'
5 non-polymer 'PHOSPHATE ION'
6 water water
#
loop_
_entity_poly.entity_id
_entity_poly.type
_entity_poly.pdbx_seq_one_letter_code
_entity_poly.pdbx_strand_id
1 'polypeptide(L)'
;AKEEIIWESLSVDVGSQGNPGIVEYKGVDTKTGEVLFEREPIPIGTNNMGEFLAIVHGLRYLKERNSRKPIYSNSQTAIK
WVKDKKAKSTLVRNEETALIWKLVDEAEEWLNTHTYETPILKWQTDKWGEIKADYGRK
;
A
2 'polyribonucleotide' UCGACA B
3 'polydeoxyribonucleotide' (DA)(DT)(SDG)(DT)(DC)(SDG) C
#
# COMPACT_ATOMS: atom_id res chain seq x y z
N GLU A 3 16.48 8.03 11.19
CA GLU A 3 17.42 7.18 12.02
C GLU A 3 16.87 5.78 12.41
N GLU A 4 16.06 5.56 13.46
CA GLU A 4 15.72 4.15 13.65
C GLU A 4 14.36 3.59 13.14
N ILE A 5 14.41 2.29 12.91
CA ILE A 5 13.32 1.56 12.31
C ILE A 5 12.30 1.38 13.41
N ILE A 6 11.04 1.72 13.14
CA ILE A 6 9.95 1.39 14.05
C ILE A 6 9.49 -0.06 13.79
N TRP A 7 9.97 -1.00 14.61
CA TRP A 7 9.72 -2.44 14.38
C TRP A 7 8.27 -2.78 14.61
N GLU A 8 7.62 -2.03 15.52
CA GLU A 8 6.20 -2.29 15.81
C GLU A 8 5.32 -1.58 14.75
N SER A 9 5.22 -2.18 13.55
CA SER A 9 4.61 -1.48 12.38
C SER A 9 4.16 -2.56 11.38
N LEU A 10 3.41 -2.10 10.38
CA LEU A 10 2.95 -2.90 9.25
C LEU A 10 3.77 -2.41 8.01
N SER A 11 4.39 -3.32 7.23
CA SER A 11 5.13 -2.86 6.00
C SER A 11 4.28 -3.38 4.82
N VAL A 12 4.03 -2.57 3.79
CA VAL A 12 3.32 -3.04 2.62
C VAL A 12 4.19 -2.85 1.39
N ASP A 13 3.91 -3.64 0.38
CA ASP A 13 4.62 -3.47 -0.94
C ASP A 13 3.78 -4.06 -2.02
N VAL A 14 3.91 -3.47 -3.20
CA VAL A 14 3.37 -4.00 -4.45
C VAL A 14 4.36 -5.02 -5.10
N GLY A 15 3.80 -5.94 -5.93
CA GLY A 15 4.56 -6.95 -6.69
C GLY A 15 3.89 -6.87 -8.06
N SER A 16 4.66 -6.88 -9.14
CA SER A 16 3.98 -6.85 -10.48
C SER A 16 4.67 -7.79 -11.46
N GLN A 17 3.96 -8.10 -12.55
CA GLN A 17 4.61 -8.80 -13.68
C GLN A 17 4.29 -7.91 -14.89
N GLY A 18 5.27 -7.11 -15.25
CA GLY A 18 5.04 -6.05 -16.20
C GLY A 18 4.65 -4.76 -15.46
N ASN A 19 4.85 -3.62 -16.08
CA ASN A 19 4.32 -2.36 -15.54
C ASN A 19 4.04 -1.34 -16.67
N PRO A 20 2.76 -1.18 -17.10
CA PRO A 20 1.58 -1.87 -16.50
C PRO A 20 1.56 -3.37 -16.74
N GLY A 21 1.02 -4.11 -15.77
CA GLY A 21 0.91 -5.54 -15.88
C GLY A 21 0.11 -6.09 -14.71
N ILE A 22 0.34 -7.36 -14.42
CA ILE A 22 -0.42 -8.05 -13.34
C ILE A 22 0.11 -7.42 -12.04
N VAL A 23 -0.82 -7.00 -11.14
CA VAL A 23 -0.40 -6.29 -9.90
C VAL A 23 -0.97 -7.07 -8.72
N GLU A 24 -0.13 -7.24 -7.72
CA GLU A 24 -0.65 -7.72 -6.40
C GLU A 24 0.01 -6.91 -5.32
N TYR A 25 -0.38 -7.13 -4.05
CA TYR A 25 0.34 -6.42 -2.96
C TYR A 25 0.08 -7.14 -1.68
N LYS A 26 0.92 -6.86 -0.68
CA LYS A 26 0.76 -7.53 0.58
C LYS A 26 1.23 -6.67 1.72
N GLY A 27 0.85 -7.05 2.94
CA GLY A 27 1.19 -6.29 4.12
C GLY A 27 1.77 -7.37 5.07
N VAL A 28 2.89 -7.03 5.74
CA VAL A 28 3.58 -7.96 6.69
C VAL A 28 3.96 -7.27 7.96
N ASP A 29 4.13 -8.07 9.02
CA ASP A 29 4.68 -7.53 10.27
C ASP A 29 6.13 -7.19 10.07
N THR A 30 6.52 -5.92 10.28
CA THR A 30 7.88 -5.47 9.94
C THR A 30 8.95 -6.31 10.71
N LYS A 31 8.57 -6.72 11.92
CA LYS A 31 9.52 -7.39 12.81
CA LYS A 31 9.44 -7.44 12.90
C LYS A 31 9.69 -8.85 12.38
N THR A 32 8.61 -9.57 12.23
CA THR A 32 8.61 -11.01 11.97
C THR A 32 8.52 -11.44 10.52
N GLY A 33 8.09 -10.55 9.63
CA GLY A 33 7.72 -10.96 8.27
C GLY A 33 6.44 -11.76 8.15
N GLU A 34 5.71 -11.96 9.26
CA GLU A 34 4.42 -12.66 9.13
C GLU A 34 3.53 -11.94 8.07
N VAL A 35 3.01 -12.67 7.10
CA VAL A 35 2.11 -12.05 6.08
C VAL A 35 0.72 -11.87 6.67
N LEU A 36 0.28 -10.64 6.77
CA LEU A 36 -1.00 -10.29 7.41
C LEU A 36 -2.14 -10.20 6.42
N PHE A 37 -1.82 -9.78 5.18
CA PHE A 37 -2.84 -9.80 4.11
C PHE A 37 -2.13 -9.86 2.77
N GLU A 38 -2.81 -10.39 1.75
CA GLU A 38 -2.21 -10.48 0.40
C GLU A 38 -3.37 -10.41 -0.59
N ARG A 39 -3.34 -9.42 -1.49
CA ARG A 39 -4.44 -9.18 -2.40
C ARG A 39 -4.24 -10.10 -3.63
N GLU A 40 -5.34 -10.67 -4.09
CA GLU A 40 -5.32 -11.53 -5.29
C GLU A 40 -4.88 -10.73 -6.48
N PRO A 41 -4.13 -11.38 -7.43
CA PRO A 41 -3.52 -10.63 -8.56
C PRO A 41 -4.63 -9.93 -9.33
N ILE A 42 -4.36 -8.69 -9.75
CA ILE A 42 -5.26 -7.87 -10.58
C ILE A 42 -4.64 -7.94 -11.98
N PRO A 43 -5.43 -8.30 -13.03
CA PRO A 43 -4.84 -8.61 -14.35
C PRO A 43 -4.03 -7.48 -14.93
N ILE A 44 -4.51 -6.25 -14.78
CA ILE A 44 -3.78 -5.08 -15.26
C ILE A 44 -3.79 -3.88 -14.32
N GLY A 45 -2.63 -3.32 -14.02
CA GLY A 45 -2.57 -2.15 -13.14
C GLY A 45 -1.16 -1.58 -13.23
N THR A 46 -0.93 -0.45 -12.56
CA THR A 46 0.42 0.08 -12.48
C THR A 46 1.07 -0.18 -11.12
N ASN A 47 2.40 -0.16 -11.08
CA ASN A 47 3.11 -0.13 -9.75
C ASN A 47 2.50 0.84 -8.71
N ASN A 48 2.29 2.10 -9.09
CA ASN A 48 1.87 3.15 -8.13
C ASN A 48 0.46 2.94 -7.70
N MET A 49 -0.38 2.45 -8.62
CA MET A 49 -1.79 2.11 -8.23
C MET A 49 -1.69 0.98 -7.18
N GLY A 50 -0.84 -0.04 -7.40
CA GLY A 50 -0.75 -1.15 -6.42
C GLY A 50 -0.19 -0.68 -5.06
N GLU A 51 0.82 0.22 -5.10
CA GLU A 51 1.49 0.79 -3.86
C GLU A 51 0.43 1.58 -3.10
N PHE A 52 -0.42 2.34 -3.85
CA PHE A 52 -1.51 3.12 -3.20
C PHE A 52 -2.56 2.24 -2.58
N LEU A 53 -3.04 1.28 -3.34
CA LEU A 53 -4.03 0.28 -2.80
C LEU A 53 -3.47 -0.42 -1.56
N ALA A 54 -2.17 -0.78 -1.59
CA ALA A 54 -1.57 -1.53 -0.42
C ALA A 54 -1.61 -0.65 0.85
N ILE A 55 -1.29 0.64 0.72
CA ILE A 55 -1.32 1.52 1.93
C ILE A 55 -2.79 1.72 2.43
N VAL A 56 -3.69 1.93 1.50
CA VAL A 56 -5.11 2.18 1.98
C VAL A 56 -5.63 0.91 2.59
N HIS A 57 -5.33 -0.26 1.96
CA HIS A 57 -5.70 -1.54 2.56
C HIS A 57 -5.16 -1.64 3.96
N GLY A 58 -3.89 -1.32 4.10
CA GLY A 58 -3.24 -1.27 5.44
C GLY A 58 -3.94 -0.36 6.42
N LEU A 59 -4.33 0.84 6.00
CA LEU A 59 -5.10 1.74 6.90
C LEU A 59 -6.39 1.05 7.38
N ARG A 60 -7.13 0.42 6.44
CA ARG A 60 -8.43 -0.20 6.75
CA ARG A 60 -8.42 -0.15 6.84
C ARG A 60 -8.18 -1.38 7.72
N TYR A 61 -7.14 -2.20 7.39
CA TYR A 61 -6.77 -3.40 8.16
C TYR A 61 -6.45 -3.02 9.68
N LEU A 62 -5.62 -2.01 9.85
CA LEU A 62 -5.26 -1.54 11.22
C LEU A 62 -6.43 -0.89 11.91
N LYS A 63 -7.21 -0.10 11.20
CA LYS A 63 -8.38 0.53 11.79
C LYS A 63 -9.35 -0.52 12.33
N GLU A 64 -9.64 -1.55 11.54
CA GLU A 64 -10.62 -2.62 11.87
CA GLU A 64 -10.66 -2.54 11.92
C GLU A 64 -10.18 -3.40 13.08
N ARG A 65 -8.86 -3.49 13.27
CA ARG A 65 -8.23 -4.18 14.41
C ARG A 65 -7.86 -3.28 15.63
N ASN A 66 -8.22 -2.01 15.62
CA ASN A 66 -7.94 -1.06 16.70
C ASN A 66 -6.43 -0.99 16.99
N SER A 67 -5.65 -1.00 15.90
CA SER A 67 -4.22 -0.96 16.00
C SER A 67 -3.73 0.43 15.68
N ARG A 68 -2.76 0.89 16.50
CA ARG A 68 -2.14 2.17 16.30
C ARG A 68 -0.78 2.08 15.60
N LYS A 69 -0.42 0.90 15.11
CA LYS A 69 0.86 0.74 14.40
C LYS A 69 0.96 1.67 13.19
N PRO A 70 2.17 2.21 12.93
CA PRO A 70 2.38 2.96 11.69
C PRO A 70 2.47 2.01 10.53
N ILE A 71 2.38 2.58 9.31
CA ILE A 71 2.62 1.82 8.10
C ILE A 71 3.88 2.29 7.35
N TYR A 72 4.74 1.36 6.96
CA TYR A 72 5.89 1.68 6.09
C TYR A 72 5.56 1.37 4.64
N SER A 73 5.95 2.26 3.73
CA SER A 73 5.94 1.99 2.28
C SER A 73 7.26 2.55 1.76
N ASN A 74 7.79 1.94 0.71
CA ASN A 74 8.98 2.57 0.07
C ASN A 74 8.57 3.57 -1.02
N SER A 75 7.26 3.79 -1.23
CA SER A 75 6.84 4.55 -2.41
C SER A 75 6.53 6.00 -2.03
N GLN A 76 7.40 6.94 -2.45
CA GLN A 76 7.15 8.33 -2.27
CA GLN A 76 7.14 8.34 -2.19
C GLN A 76 5.90 8.79 -2.96
N THR A 77 5.70 8.27 -4.15
CA THR A 77 4.47 8.57 -4.92
C THR A 77 3.23 8.21 -4.12
N ALA A 78 3.14 6.96 -3.70
CA ALA A 78 1.91 6.51 -3.10
C ALA A 78 1.64 7.12 -1.75
N ILE A 79 2.67 7.39 -1.00
CA ILE A 79 2.55 8.07 0.27
C ILE A 79 1.89 9.45 0.05
N LYS A 80 2.36 10.13 -0.98
CA LYS A 80 1.74 11.41 -1.34
C LYS A 80 0.26 11.34 -1.80
N TRP A 81 -0.02 10.36 -2.69
CA TRP A 81 -1.40 10.12 -3.14
C TRP A 81 -2.29 9.90 -1.92
N VAL A 82 -1.80 9.10 -0.97
CA VAL A 82 -2.68 8.84 0.21
C VAL A 82 -2.90 10.14 1.00
N LYS A 83 -1.83 10.90 1.25
CA LYS A 83 -1.95 12.19 1.92
C LYS A 83 -2.92 13.13 1.16
N ASP A 84 -2.80 13.19 -0.16
CA ASP A 84 -3.78 13.93 -0.96
C ASP A 84 -5.21 13.34 -1.11
N LYS A 85 -5.44 12.08 -0.72
CA LYS A 85 -6.66 11.33 -1.01
C LYS A 85 -7.00 11.28 -2.46
N LYS A 86 -5.95 11.25 -3.28
CA LYS A 86 -6.16 11.20 -4.71
C LYS A 86 -5.01 10.47 -5.40
N ALA A 87 -5.32 9.43 -6.16
CA ALA A 87 -4.35 8.65 -6.95
C ALA A 87 -4.23 9.20 -8.38
N LYS A 88 -3.16 9.94 -8.60
CA LYS A 88 -3.00 10.60 -9.92
C LYS A 88 -2.35 9.68 -10.93
N SER A 89 -2.99 8.55 -11.26
CA SER A 89 -2.42 7.54 -12.17
C SER A 89 -2.72 7.94 -13.63
N THR A 90 -1.81 7.57 -14.53
CA THR A 90 -1.88 7.89 -15.99
C THR A 90 -2.53 6.71 -16.70
N LEU A 91 -2.87 5.65 -15.96
CA LEU A 91 -3.35 4.43 -16.61
C LEU A 91 -4.65 4.72 -17.44
N VAL A 92 -4.66 4.39 -18.72
CA VAL A 92 -5.90 4.55 -19.47
C VAL A 92 -7.07 3.81 -18.80
N ARG A 93 -8.26 4.39 -18.95
CA ARG A 93 -9.50 3.71 -18.53
C ARG A 93 -10.12 2.90 -19.67
N ASN A 94 -10.09 1.57 -19.58
CA ASN A 94 -10.83 0.72 -20.55
C ASN A 94 -11.35 -0.53 -19.88
N GLU A 95 -11.89 -1.44 -20.68
CA GLU A 95 -12.49 -2.64 -20.10
C GLU A 95 -11.46 -3.44 -19.26
N GLU A 96 -10.20 -3.46 -19.73
CA GLU A 96 -9.18 -4.28 -19.14
C GLU A 96 -8.65 -3.64 -17.87
N THR A 97 -8.79 -2.34 -17.78
CA THR A 97 -8.26 -1.62 -16.58
C THR A 97 -9.43 -1.24 -15.65
N ALA A 98 -10.67 -1.63 -16.00
CA ALA A 98 -11.83 -1.33 -15.19
C ALA A 98 -11.73 -1.77 -13.73
N LEU A 99 -11.28 -3.00 -13.52
CA LEU A 99 -11.11 -3.61 -12.20
C LEU A 99 -10.23 -2.78 -11.28
N ILE A 100 -9.00 -2.48 -11.72
CA ILE A 100 -8.09 -1.78 -10.83
C ILE A 100 -8.57 -0.34 -10.66
N TRP A 101 -9.24 0.23 -11.70
CA TRP A 101 -9.69 1.63 -11.52
C TRP A 101 -10.88 1.73 -10.53
N LYS A 102 -11.71 0.69 -10.49
CA LYS A 102 -12.76 0.57 -9.48
C LYS A 102 -12.15 0.43 -8.08
N LEU A 103 -11.11 -0.39 -7.92
CA LEU A 103 -10.48 -0.49 -6.62
C LEU A 103 -9.91 0.84 -6.22
N VAL A 104 -9.26 1.54 -7.14
CA VAL A 104 -8.63 2.81 -6.82
C VAL A 104 -9.69 3.87 -6.43
N ASP A 105 -10.80 3.88 -7.16
CA ASP A 105 -11.87 4.87 -6.81
C ASP A 105 -12.44 4.55 -5.45
N GLU A 106 -12.62 3.27 -5.18
CA GLU A 106 -13.14 2.81 -3.85
C GLU A 106 -12.19 3.15 -2.70
N ALA A 107 -10.87 3.03 -2.95
CA ALA A 107 -9.86 3.37 -1.91
C ALA A 107 -9.87 4.84 -1.62
N GLU A 108 -9.99 5.65 -2.66
CA GLU A 108 -10.08 7.09 -2.52
C GLU A 108 -11.36 7.40 -1.72
N GLU A 109 -12.42 6.70 -2.06
CA GLU A 109 -13.71 7.03 -1.34
C GLU A 109 -13.57 6.61 0.14
N TRP A 110 -12.92 5.49 0.39
CA TRP A 110 -12.62 5.12 1.82
C TRP A 110 -11.88 6.28 2.56
N LEU A 111 -10.84 6.84 1.97
CA LEU A 111 -10.08 7.92 2.59
C LEU A 111 -10.96 9.15 2.78
N ASN A 112 -11.94 9.34 1.90
CA ASN A 112 -12.86 10.50 2.02
C ASN A 112 -14.01 10.26 3.01
N THR A 113 -14.07 9.10 3.66
CA THR A 113 -15.22 8.73 4.54
C THR A 113 -14.76 8.26 5.90
N HIS A 114 -13.43 8.22 6.09
CA HIS A 114 -12.87 7.65 7.36
C HIS A 114 -11.75 8.54 7.88
N THR A 115 -11.43 8.44 9.18
CA THR A 115 -10.32 9.21 9.74
C THR A 115 -9.31 8.19 10.25
N TYR A 116 -8.06 8.62 10.36
CA TYR A 116 -7.06 7.74 10.97
C TYR A 116 -5.93 8.60 11.54
N GLU A 117 -5.27 8.05 12.54
CA GLU A 117 -4.08 8.71 13.08
CA GLU A 117 -4.09 8.62 13.19
C GLU A 117 -2.82 7.96 12.67
N THR A 118 -2.98 6.87 11.88
CA THR A 118 -1.87 6.04 11.49
C THR A 118 -0.75 6.86 10.84
N PRO A 119 0.49 6.86 11.41
CA PRO A 119 1.61 7.52 10.68
C PRO A 119 1.96 6.66 9.46
N ILE A 120 2.08 7.31 8.32
CA ILE A 120 2.51 6.59 7.08
C ILE A 120 3.95 7.03 6.81
N LEU A 121 4.84 6.07 6.90
CA LEU A 121 6.28 6.38 7.00
C LEU A 121 7.04 5.87 5.82
N LYS A 122 8.04 6.67 5.40
CA LYS A 122 8.84 6.22 4.25
C LYS A 122 9.84 5.17 4.71
N TRP A 123 9.79 3.98 4.15
CA TRP A 123 10.87 3.04 4.41
C TRP A 123 12.17 3.48 3.72
N GLN A 124 13.29 3.57 4.45
CA GLN A 124 14.58 4.08 3.87
C GLN A 124 15.42 2.95 3.36
N THR A 125 15.06 2.46 2.18
CA THR A 125 15.70 1.37 1.47
C THR A 125 17.23 1.53 1.35
N ASP A 126 17.66 2.77 1.19
CA ASP A 126 19.10 3.03 0.95
C ASP A 126 19.92 2.72 2.20
N LYS A 127 19.31 3.00 3.36
CA LYS A 127 19.89 2.78 4.68
C LYS A 127 19.59 1.40 5.26
N TRP A 128 18.38 0.87 5.07
CA TRP A 128 17.92 -0.34 5.75
C TRP A 128 17.75 -1.60 4.91
N GLY A 129 17.98 -1.50 3.61
CA GLY A 129 17.77 -2.66 2.74
C GLY A 129 16.29 -2.72 2.26
N GLU A 130 15.94 -3.76 1.50
CA GLU A 130 14.55 -3.92 0.91
C GLU A 130 13.47 -3.94 2.01
N ILE A 131 12.36 -3.26 1.75
CA ILE A 131 11.19 -3.37 2.65
C ILE A 131 10.81 -4.85 2.91
N LYS A 132 10.40 -5.13 4.15
CA LYS A 132 10.17 -6.51 4.49
CA LYS A 132 10.08 -6.50 4.59
C LYS A 132 8.96 -7.12 3.76
N ALA A 133 8.07 -6.29 3.19
CA ALA A 133 7.00 -6.85 2.35
C ALA A 133 7.44 -7.12 0.87
N ASP A 134 8.70 -6.91 0.53
CA ASP A 134 9.16 -7.06 -0.86
C ASP A 134 8.83 -8.43 -1.48
N TYR A 135 8.58 -8.44 -2.77
CA TYR A 135 8.29 -9.72 -3.49
C TYR A 135 9.57 -10.50 -3.95
N GLY A 136 10.69 -9.77 -4.07
CA GLY A 136 12.05 -10.37 -4.29
C GLY A 136 12.06 -11.64 -5.12
#